data_2OML
#
_entry.id   2OML
#
_cell.length_a   32.310
_cell.length_b   56.780
_cell.length_c   91.310
_cell.angle_alpha   90.00
_cell.angle_beta   90.00
_cell.angle_gamma   90.00
#
_symmetry.space_group_name_H-M   'P 21 21 21'
#
loop_
_entity.id
_entity.type
_entity.pdbx_description
1 polymer 'Ribosomal large subunit pseudouridine synthase E'
2 non-polymer 'SULFATE ION'
3 water water
#
_entity_poly.entity_id   1
_entity_poly.type   'polypeptide(L)'
_entity_poly.pdbx_seq_one_letter_code
;STRRKPENQPTRVILFNKPYDVLPQFTDEAGRKTLKEFIPVQGVYAAGRLDRDSEGLLVLTNNGALQARLTQPGKRTGKI
YYVQVEGIPTQDALEALRNGVTLNDGPTLPAGAELVDEPAWLWPRNPPIRERKSIPTSWLKITLYEGRNRQVRRMTAHVG
FPTLRLIRYAMGDYSLDNLANGEWREVTD
;
_entity_poly.pdbx_strand_id   A
#
# COMPACT_ATOMS: atom_id res chain seq x y z
N ASN A 8 -21.44 -5.31 23.79
CA ASN A 8 -20.61 -4.08 23.67
C ASN A 8 -20.67 -3.49 22.23
N GLN A 9 -19.54 -3.32 21.54
CA GLN A 9 -19.55 -2.73 20.17
C GLN A 9 -19.51 -3.81 19.08
N PRO A 10 -20.61 -3.94 18.31
CA PRO A 10 -20.62 -4.87 17.19
C PRO A 10 -19.49 -4.57 16.20
N THR A 11 -18.80 -5.62 15.77
CA THR A 11 -17.63 -5.48 14.90
C THR A 11 -18.03 -5.02 13.50
N ARG A 12 -17.28 -4.09 12.97
CA ARG A 12 -17.43 -3.65 11.57
C ARG A 12 -16.04 -3.74 10.93
N VAL A 13 -15.95 -4.37 9.77
CA VAL A 13 -14.72 -4.48 9.00
C VAL A 13 -15.08 -4.18 7.57
N ILE A 14 -14.36 -3.23 6.99
CA ILE A 14 -14.58 -2.78 5.62
C ILE A 14 -13.25 -2.78 4.88
N LEU A 15 -13.24 -3.29 3.65
CA LEU A 15 -12.10 -3.18 2.75
C LEU A 15 -12.37 -2.10 1.74
N PHE A 16 -11.38 -1.28 1.49
CA PHE A 16 -11.49 -0.15 0.55
C PHE A 16 -10.32 -0.14 -0.40
N ASN A 17 -10.57 0.16 -1.66
CA ASN A 17 -9.52 0.42 -2.65
C ASN A 17 -9.34 1.92 -2.75
N LYS A 18 -8.35 2.41 -2.02
CA LYS A 18 -8.15 3.83 -1.84
C LYS A 18 -7.60 4.54 -3.08
N PRO A 19 -8.28 5.60 -3.55
CA PRO A 19 -7.71 6.39 -4.64
C PRO A 19 -6.49 7.18 -4.22
N TYR A 20 -5.74 7.56 -5.22
CA TYR A 20 -4.67 8.54 -5.05
C TYR A 20 -5.21 9.88 -4.51
N ASP A 21 -4.46 10.51 -3.63
CA ASP A 21 -4.74 11.83 -3.07
C ASP A 21 -5.93 11.85 -2.13
N VAL A 22 -6.15 10.71 -1.47
CA VAL A 22 -7.17 10.57 -0.43
C VAL A 22 -6.44 10.14 0.84
N LEU A 23 -6.73 10.78 1.95
CA LEU A 23 -6.19 10.39 3.22
C LEU A 23 -6.85 9.14 3.77
N PRO A 24 -6.07 8.28 4.46
CA PRO A 24 -6.63 7.03 5.01
C PRO A 24 -7.31 7.24 6.35
N GLN A 25 -8.26 8.16 6.38
CA GLN A 25 -8.88 8.55 7.63
C GLN A 25 -10.22 9.19 7.36
N PHE A 26 -11.03 9.29 8.42
CA PHE A 26 -12.32 9.93 8.36
C PHE A 26 -12.33 11.34 8.97
N THR A 27 -11.41 11.66 9.85
CA THR A 27 -11.42 12.97 10.48
C THR A 27 -11.12 14.06 9.45
N ASP A 28 -11.87 15.14 9.50
CA ASP A 28 -11.64 16.28 8.64
C ASP A 28 -10.20 16.73 8.75
N GLU A 29 -9.62 17.09 7.62
CA GLU A 29 -8.29 17.67 7.52
C GLU A 29 -8.34 18.75 6.45
N ALA A 30 -8.14 19.98 6.89
CA ALA A 30 -8.33 21.14 6.05
C ALA A 30 -7.59 21.01 4.72
N GLY A 31 -8.34 21.15 3.65
CA GLY A 31 -7.77 21.11 2.31
C GLY A 31 -7.51 19.75 1.73
N ARG A 32 -7.92 18.68 2.44
CA ARG A 32 -7.65 17.33 1.99
C ARG A 32 -8.93 16.52 1.91
N LYS A 33 -8.87 15.53 1.06
CA LYS A 33 -9.98 14.59 0.86
C LYS A 33 -9.82 13.40 1.81
N THR A 34 -10.93 12.97 2.38
CA THR A 34 -10.94 11.88 3.33
C THR A 34 -11.93 10.81 2.93
N LEU A 35 -11.98 9.77 3.73
CA LEU A 35 -12.84 8.62 3.51
C LEU A 35 -14.33 8.96 3.62
N LYS A 36 -14.66 10.10 4.22
CA LYS A 36 -16.06 10.52 4.32
C LYS A 36 -16.71 10.65 2.95
N GLU A 37 -15.93 10.96 1.91
CA GLU A 37 -16.47 11.08 0.55
C GLU A 37 -16.76 9.76 -0.10
N PHE A 38 -16.30 8.67 0.50
CA PHE A 38 -16.39 7.36 -0.12
C PHE A 38 -17.15 6.32 0.68
N ILE A 39 -17.13 6.41 2.03
CA ILE A 39 -17.65 5.35 2.89
C ILE A 39 -18.51 5.99 3.97
N PRO A 40 -19.84 5.95 3.84
CA PRO A 40 -20.68 6.65 4.83
C PRO A 40 -20.97 5.82 6.08
N VAL A 41 -19.86 5.66 6.86
CA VAL A 41 -19.81 4.85 8.06
C VAL A 41 -18.97 5.63 9.09
N GLN A 42 -19.44 5.67 10.33
CA GLN A 42 -18.72 6.30 11.43
C GLN A 42 -18.20 5.20 12.38
N GLY A 43 -17.11 5.50 13.06
CA GLY A 43 -16.60 4.61 14.08
C GLY A 43 -15.58 3.60 13.63
N VAL A 44 -15.22 3.58 12.34
CA VAL A 44 -14.16 2.70 11.86
C VAL A 44 -12.97 3.56 11.46
N TYR A 45 -11.78 2.99 11.56
CA TYR A 45 -10.53 3.67 11.25
C TYR A 45 -9.54 2.65 10.68
N ALA A 46 -8.45 3.14 10.15
CA ALA A 46 -7.52 2.27 9.43
C ALA A 46 -6.79 1.31 10.35
N ALA A 47 -6.77 0.05 9.97
CA ALA A 47 -5.88 -0.95 10.57
C ALA A 47 -4.70 -1.07 9.62
N GLY A 48 -3.81 -0.08 9.71
CA GLY A 48 -2.70 0.05 8.79
C GLY A 48 -2.97 1.18 7.83
N ARG A 49 -2.59 2.41 8.18
CA ARG A 49 -2.80 3.56 7.31
C ARG A 49 -2.00 3.36 6.02
N LEU A 50 -2.49 3.93 4.94
CA LEU A 50 -1.90 3.90 3.59
C LEU A 50 -1.73 5.34 3.15
N ASP A 51 -0.53 5.73 2.73
CA ASP A 51 -0.22 7.13 2.49
C ASP A 51 -1.17 7.76 1.46
N ARG A 52 -1.31 9.07 1.59
CA ARG A 52 -2.15 9.84 0.70
C ARG A 52 -1.82 9.59 -0.78
N ASP A 53 -0.53 9.53 -1.11
CA ASP A 53 -0.03 9.35 -2.47
C ASP A 53 0.18 7.89 -2.88
N SER A 54 -0.25 6.96 -2.03
CA SER A 54 -0.37 5.56 -2.38
C SER A 54 -1.83 5.28 -2.74
N GLU A 55 -2.04 4.10 -3.30
CA GLU A 55 -3.33 3.65 -3.74
C GLU A 55 -3.56 2.23 -3.24
N GLY A 56 -4.81 1.81 -3.18
CA GLY A 56 -5.12 0.41 -2.93
C GLY A 56 -5.63 0.08 -1.56
N LEU A 57 -5.27 -1.11 -1.09
CA LEU A 57 -6.03 -1.76 -0.02
C LEU A 57 -5.86 -1.09 1.32
N LEU A 58 -7.00 -0.73 1.90
CA LEU A 58 -7.11 -0.20 3.22
C LEU A 58 -8.17 -1.00 3.98
N VAL A 59 -7.80 -1.50 5.14
CA VAL A 59 -8.70 -2.21 6.02
C VAL A 59 -9.17 -1.21 7.07
N LEU A 60 -10.49 -1.08 7.22
CA LEU A 60 -11.10 -0.18 8.21
C LEU A 60 -11.87 -1.00 9.21
N THR A 61 -11.69 -0.71 10.48
CA THR A 61 -12.44 -1.44 11.51
C THR A 61 -12.61 -0.61 12.74
N ASN A 62 -13.56 -1.02 13.58
CA ASN A 62 -13.70 -0.53 14.94
C ASN A 62 -13.12 -1.49 15.99
N ASN A 63 -12.57 -2.61 15.56
CA ASN A 63 -12.24 -3.69 16.50
C ASN A 63 -10.75 -3.69 16.85
N GLY A 64 -10.46 -3.59 18.14
CA GLY A 64 -9.11 -3.48 18.65
C GLY A 64 -8.23 -4.70 18.37
N ALA A 65 -8.82 -5.90 18.47
CA ALA A 65 -8.10 -7.13 18.22
C ALA A 65 -7.59 -7.17 16.77
N LEU A 66 -8.46 -6.80 15.83
CA LEU A 66 -8.09 -6.77 14.42
C LEU A 66 -7.04 -5.69 14.15
N GLN A 67 -7.25 -4.51 14.73
CA GLN A 67 -6.27 -3.45 14.61
C GLN A 67 -4.87 -3.94 15.03
N ALA A 68 -4.81 -4.58 16.18
CA ALA A 68 -3.52 -5.06 16.72
C ALA A 68 -2.94 -6.12 15.82
N ARG A 69 -3.77 -7.05 15.40
CA ARG A 69 -3.35 -8.14 14.52
C ARG A 69 -2.62 -7.60 13.30
N LEU A 70 -3.17 -6.54 12.72
CA LEU A 70 -2.66 -5.99 11.48
C LEU A 70 -1.55 -4.95 11.64
N THR A 71 -1.51 -4.25 12.77
CA THR A 71 -0.65 -3.07 12.91
C THR A 71 0.38 -3.16 14.00
N GLN A 72 0.23 -4.07 14.96
CA GLN A 72 1.14 -3.99 16.10
C GLN A 72 2.55 -4.04 15.57
N PRO A 73 3.39 -3.04 15.95
CA PRO A 73 4.77 -3.13 15.51
C PRO A 73 5.40 -4.46 15.90
N GLY A 74 6.09 -5.06 14.94
CA GLY A 74 6.70 -6.38 15.15
C GLY A 74 5.82 -7.57 14.81
N LYS A 75 4.58 -7.37 14.37
CA LYS A 75 3.68 -8.52 14.09
C LYS A 75 4.05 -9.26 12.78
N ARG A 76 4.86 -8.62 11.95
CA ARG A 76 5.29 -9.22 10.64
C ARG A 76 4.12 -9.51 9.72
N THR A 77 3.15 -8.60 9.74
CA THR A 77 2.01 -8.65 8.85
C THR A 77 2.53 -8.50 7.40
N GLY A 78 2.18 -9.45 6.55
CA GLY A 78 2.60 -9.40 5.14
C GLY A 78 1.77 -8.42 4.35
N LYS A 79 2.44 -7.69 3.47
CA LYS A 79 1.81 -6.75 2.56
C LYS A 79 2.39 -6.96 1.18
N ILE A 80 1.53 -6.97 0.18
CA ILE A 80 1.97 -7.10 -1.21
C ILE A 80 1.67 -5.79 -1.92
N TYR A 81 2.70 -5.20 -2.52
CA TYR A 81 2.58 -3.99 -3.30
C TYR A 81 2.94 -4.26 -4.76
N TYR A 82 2.25 -3.56 -5.65
CA TYR A 82 2.68 -3.39 -7.02
C TYR A 82 3.20 -1.97 -7.16
N VAL A 83 4.43 -1.87 -7.65
CA VAL A 83 5.16 -0.65 -7.64
C VAL A 83 5.66 -0.33 -9.05
N GLN A 84 5.35 0.84 -9.57
CA GLN A 84 5.87 1.28 -10.84
C GLN A 84 7.09 2.13 -10.54
N VAL A 85 8.20 1.76 -11.14
CA VAL A 85 9.47 2.43 -10.92
C VAL A 85 10.07 2.94 -12.21
N GLU A 86 10.92 3.94 -12.07
CA GLU A 86 11.74 4.43 -13.16
C GLU A 86 12.82 3.41 -13.50
N GLY A 87 13.06 3.19 -14.79
CA GLY A 87 14.06 2.25 -15.24
C GLY A 87 13.61 0.82 -15.14
N ILE A 88 14.57 -0.07 -15.31
CA ILE A 88 14.37 -1.49 -15.24
C ILE A 88 15.35 -2.06 -14.21
N PRO A 89 14.89 -2.35 -12.99
CA PRO A 89 15.77 -2.87 -11.96
C PRO A 89 16.60 -4.06 -12.42
N THR A 90 17.85 -4.05 -11.99
CA THR A 90 18.78 -5.12 -12.30
C THR A 90 18.54 -6.31 -11.36
N GLN A 91 19.07 -7.47 -11.72
CA GLN A 91 18.98 -8.64 -10.86
C GLN A 91 19.65 -8.37 -9.52
N ASP A 92 20.77 -7.71 -9.53
CA ASP A 92 21.47 -7.34 -8.30
C ASP A 92 20.61 -6.44 -7.41
N ALA A 93 19.95 -5.45 -8.00
CA ALA A 93 19.06 -4.57 -7.25
C ALA A 93 17.92 -5.34 -6.62
N LEU A 94 17.32 -6.27 -7.35
CA LEU A 94 16.22 -7.08 -6.81
C LEU A 94 16.70 -7.98 -5.70
N GLU A 95 17.88 -8.56 -5.83
CA GLU A 95 18.45 -9.38 -4.78
C GLU A 95 18.68 -8.57 -3.51
N ALA A 96 19.10 -7.32 -3.66
CA ALA A 96 19.28 -6.45 -2.50
C ALA A 96 17.96 -6.14 -1.80
N LEU A 97 16.91 -5.88 -2.58
CA LEU A 97 15.59 -5.67 -2.00
C LEU A 97 15.12 -6.92 -1.25
N ARG A 98 15.41 -8.10 -1.78
CA ARG A 98 14.99 -9.33 -1.15
C ARG A 98 15.77 -9.58 0.13
N ASN A 99 17.04 -9.24 0.16
CA ASN A 99 17.92 -9.61 1.26
C ASN A 99 18.00 -8.62 2.37
N GLY A 100 17.96 -7.33 2.02
CA GLY A 100 18.12 -6.25 2.99
C GLY A 100 18.98 -5.13 2.44
N VAL A 101 18.51 -3.91 2.69
CA VAL A 101 19.25 -2.67 2.46
C VAL A 101 19.26 -1.92 3.79
N THR A 102 20.16 -0.96 3.96
CA THR A 102 20.21 -0.17 5.19
C THR A 102 19.74 1.25 4.90
N LEU A 103 18.58 1.55 5.44
CA LEU A 103 17.99 2.89 5.32
C LEU A 103 18.48 3.73 6.49
N ASN A 104 18.09 5.00 6.56
CA ASN A 104 18.58 5.87 7.63
C ASN A 104 18.12 5.38 9.01
N ASP A 105 17.03 4.62 9.03
CA ASP A 105 16.47 4.01 10.24
C ASP A 105 16.86 2.54 10.45
N GLY A 106 17.84 2.04 9.69
CA GLY A 106 18.41 0.69 9.89
C GLY A 106 18.15 -0.28 8.74
N PRO A 107 18.68 -1.50 8.88
CA PRO A 107 18.46 -2.51 7.85
C PRO A 107 17.01 -2.91 7.74
N THR A 108 16.65 -3.33 6.56
CA THR A 108 15.33 -3.87 6.26
C THR A 108 15.34 -5.39 6.41
N LEU A 109 14.16 -5.93 6.76
CA LEU A 109 13.98 -7.37 6.82
C LEU A 109 13.93 -7.98 5.44
N PRO A 110 14.21 -9.29 5.34
CA PRO A 110 14.05 -9.95 4.04
C PRO A 110 12.62 -9.73 3.51
N ALA A 111 12.52 -9.64 2.20
CA ALA A 111 11.31 -9.26 1.48
C ALA A 111 11.19 -10.06 0.21
N GLY A 112 10.02 -10.04 -0.41
CA GLY A 112 9.85 -10.49 -1.78
C GLY A 112 10.01 -9.32 -2.73
N ALA A 113 10.62 -9.58 -3.89
CA ALA A 113 10.76 -8.56 -4.93
C ALA A 113 10.92 -9.23 -6.25
N GLU A 114 10.04 -8.93 -7.20
CA GLU A 114 10.06 -9.59 -8.50
C GLU A 114 9.64 -8.57 -9.57
N LEU A 115 10.27 -8.63 -10.73
CA LEU A 115 9.83 -7.87 -11.89
C LEU A 115 8.61 -8.57 -12.47
N VAL A 116 7.54 -7.81 -12.73
CA VAL A 116 6.27 -8.36 -13.24
C VAL A 116 5.79 -7.53 -14.41
N ASP A 117 4.85 -8.10 -15.16
CA ASP A 117 4.16 -7.33 -16.18
C ASP A 117 3.24 -6.30 -15.53
N GLU A 118 2.98 -5.22 -16.26
CA GLU A 118 1.97 -4.29 -15.79
C GLU A 118 0.68 -5.07 -15.48
N PRO A 119 0.11 -4.92 -14.27
CA PRO A 119 -1.06 -5.72 -13.96
C PRO A 119 -2.26 -5.46 -14.89
N ALA A 120 -2.93 -6.54 -15.29
CA ALA A 120 -4.07 -6.47 -16.18
C ALA A 120 -5.21 -5.69 -15.58
N TRP A 121 -5.33 -5.71 -14.25
CA TRP A 121 -6.41 -5.07 -13.46
C TRP A 121 -6.17 -3.58 -13.17
N LEU A 122 -5.07 -3.02 -13.65
CA LEU A 122 -4.70 -1.63 -13.35
C LEU A 122 -5.73 -0.63 -13.82
N TRP A 123 -5.97 0.38 -13.00
CA TRP A 123 -6.83 1.52 -13.32
C TRP A 123 -5.94 2.75 -13.55
N PRO A 124 -6.43 3.73 -14.30
CA PRO A 124 -5.70 4.96 -14.50
C PRO A 124 -5.56 5.75 -13.21
N ARG A 125 -4.42 6.39 -13.03
CA ARG A 125 -4.29 7.37 -11.96
C ARG A 125 -4.63 8.72 -12.51
N ASN A 126 -5.32 9.49 -11.67
CA ASN A 126 -5.58 10.89 -11.93
C ASN A 126 -5.09 11.72 -10.74
N PRO A 127 -3.97 12.48 -10.93
CA PRO A 127 -3.17 12.60 -12.18
C PRO A 127 -2.30 11.39 -12.50
N PRO A 128 -1.84 11.26 -13.76
CA PRO A 128 -0.97 10.14 -14.14
C PRO A 128 0.46 10.28 -13.61
N ILE A 129 1.26 9.25 -13.81
CA ILE A 129 2.62 9.22 -13.26
C ILE A 129 3.52 10.24 -13.92
N ARG A 130 4.68 10.40 -13.30
CA ARG A 130 5.73 11.30 -13.79
C ARG A 130 6.64 10.52 -14.75
N ARG A 132 8.03 10.08 -18.45
CA ARG A 132 8.94 10.70 -19.40
C ARG A 132 9.22 9.79 -20.60
N LYS A 133 9.15 10.37 -21.79
CA LYS A 133 9.23 9.63 -23.05
C LYS A 133 10.42 8.70 -23.25
N SER A 134 11.63 9.19 -22.98
CA SER A 134 12.86 8.46 -23.27
C SER A 134 13.29 7.48 -22.16
N ILE A 135 12.51 7.39 -21.08
CA ILE A 135 12.89 6.52 -19.96
C ILE A 135 11.83 5.45 -19.72
N PRO A 136 12.24 4.17 -19.77
CA PRO A 136 11.24 3.16 -19.52
C PRO A 136 10.84 3.14 -18.06
N THR A 137 9.69 2.53 -17.83
CA THR A 137 9.28 2.21 -16.47
C THR A 137 9.06 0.71 -16.38
N SER A 138 9.04 0.21 -15.15
CA SER A 138 8.83 -1.20 -14.89
C SER A 138 7.89 -1.34 -13.71
N TRP A 139 7.31 -2.52 -13.56
CA TRP A 139 6.52 -2.89 -12.40
C TRP A 139 7.22 -3.96 -11.58
N LEU A 140 7.22 -3.75 -10.27
CA LEU A 140 7.68 -4.73 -9.31
C LEU A 140 6.54 -5.20 -8.45
N LYS A 141 6.58 -6.45 -8.00
CA LYS A 141 5.73 -6.95 -6.95
C LYS A 141 6.65 -7.10 -5.75
N ILE A 142 6.36 -6.33 -4.70
CA ILE A 142 7.18 -6.28 -3.50
C ILE A 142 6.33 -6.76 -2.34
N THR A 143 6.85 -7.72 -1.59
CA THR A 143 6.18 -8.27 -0.42
C THR A 143 6.98 -7.92 0.82
N LEU A 144 6.39 -7.11 1.70
CA LEU A 144 7.06 -6.62 2.90
C LEU A 144 6.38 -7.18 4.12
N TYR A 145 7.15 -7.33 5.18
CA TYR A 145 6.68 -7.78 6.49
C TYR A 145 6.98 -6.75 7.58
N GLU A 146 7.15 -5.51 7.16
CA GLU A 146 7.39 -4.34 8.02
C GLU A 146 6.61 -3.16 7.47
N GLY A 147 6.48 -2.11 8.29
CA GLY A 147 5.64 -0.95 7.96
C GLY A 147 6.29 0.40 8.27
N ARG A 148 7.59 0.51 8.03
CA ARG A 148 8.26 1.74 8.28
C ARG A 148 7.88 2.82 7.28
N ASN A 149 8.15 4.05 7.66
CA ASN A 149 7.78 5.23 6.90
C ASN A 149 8.17 5.08 5.44
N ARG A 150 7.20 5.20 4.55
CA ARG A 150 7.46 5.22 3.10
C ARG A 150 8.46 4.15 2.68
N GLN A 151 8.28 2.95 3.20
CA GLN A 151 9.33 1.97 3.10
C GLN A 151 9.62 1.52 1.66
N VAL A 152 8.58 1.21 0.90
CA VAL A 152 8.79 0.76 -0.46
C VAL A 152 9.47 1.87 -1.28
N ARG A 153 8.96 3.09 -1.18
CA ARG A 153 9.56 4.22 -1.92
C ARG A 153 11.05 4.40 -1.54
N ARG A 154 11.38 4.29 -0.26
CA ARG A 154 12.74 4.47 0.16
C ARG A 154 13.64 3.33 -0.33
N MET A 155 13.13 2.11 -0.29
CA MET A 155 13.91 0.96 -0.70
C MET A 155 14.22 1.00 -2.18
N THR A 156 13.20 1.29 -3.00
CA THR A 156 13.42 1.28 -4.45
C THR A 156 14.39 2.40 -4.84
N ALA A 157 14.22 3.59 -4.25
CA ALA A 157 15.16 4.69 -4.54
C ALA A 157 16.57 4.33 -4.11
N HIS A 158 16.70 3.67 -2.96
CA HIS A 158 18.00 3.31 -2.40
C HIS A 158 18.81 2.49 -3.41
N VAL A 159 18.17 1.52 -4.07
CA VAL A 159 18.84 0.63 -5.02
C VAL A 159 18.87 1.18 -6.45
N GLY A 160 18.38 2.40 -6.66
CA GLY A 160 18.53 3.12 -7.90
C GLY A 160 17.35 3.24 -8.83
N PHE A 161 16.16 2.91 -8.33
CA PHE A 161 14.96 2.82 -9.19
C PHE A 161 13.79 3.47 -8.48
N PRO A 162 13.68 4.81 -8.50
CA PRO A 162 12.62 5.51 -7.76
C PRO A 162 11.21 5.10 -8.18
N THR A 163 10.35 5.07 -7.15
CA THR A 163 8.96 4.78 -7.31
C THR A 163 8.17 5.94 -7.91
N LEU A 164 7.39 5.64 -8.93
CA LEU A 164 6.45 6.56 -9.58
C LEU A 164 5.00 6.36 -9.11
N ARG A 165 4.62 5.14 -8.77
CA ARG A 165 3.24 4.83 -8.40
C ARG A 165 3.31 3.65 -7.45
N LEU A 166 2.49 3.66 -6.41
CA LEU A 166 2.50 2.60 -5.42
C LEU A 166 1.06 2.13 -5.12
N ILE A 167 0.83 0.85 -5.32
CA ILE A 167 -0.47 0.22 -5.09
C ILE A 167 -0.34 -0.92 -4.11
N ARG A 168 -1.01 -0.82 -2.96
CA ARG A 168 -1.05 -1.93 -2.03
C ARG A 168 -2.12 -2.89 -2.46
N TYR A 169 -1.73 -4.10 -2.85
CA TYR A 169 -2.69 -5.10 -3.33
C TYR A 169 -3.25 -5.95 -2.21
N ALA A 170 -2.43 -6.28 -1.23
CA ALA A 170 -2.84 -7.18 -0.17
C ALA A 170 -2.23 -6.78 1.16
N MET A 171 -2.93 -7.12 2.22
CA MET A 171 -2.44 -6.93 3.55
C MET A 171 -3.06 -7.94 4.47
N GLY A 172 -2.22 -8.69 5.15
CA GLY A 172 -2.72 -9.76 6.01
C GLY A 172 -3.56 -10.74 5.18
N ASP A 173 -4.77 -11.04 5.63
CA ASP A 173 -5.63 -11.96 4.92
C ASP A 173 -6.26 -11.40 3.67
N TYR A 174 -6.19 -10.08 3.48
CA TYR A 174 -7.10 -9.39 2.59
C TYR A 174 -6.39 -8.97 1.31
N SER A 175 -7.18 -8.83 0.26
CA SER A 175 -6.67 -8.31 -1.01
C SER A 175 -7.70 -7.41 -1.69
N LEU A 176 -7.27 -6.78 -2.78
CA LEU A 176 -8.10 -5.96 -3.65
C LEU A 176 -8.97 -6.76 -4.62
N ASP A 177 -8.93 -8.08 -4.58
CA ASP A 177 -9.68 -8.88 -5.57
C ASP A 177 -11.10 -8.35 -5.66
N ASN A 178 -11.48 -8.01 -6.89
CA ASN A 178 -12.82 -7.57 -7.25
C ASN A 178 -13.28 -6.25 -6.63
N LEU A 179 -12.33 -5.41 -6.24
CA LEU A 179 -12.66 -4.11 -5.69
C LEU A 179 -12.10 -3.02 -6.59
N ALA A 180 -12.97 -2.30 -7.28
CA ALA A 180 -12.54 -1.22 -8.16
C ALA A 180 -11.99 -0.07 -7.33
N ASN A 181 -11.18 0.79 -7.95
CA ASN A 181 -10.65 1.94 -7.22
C ASN A 181 -11.81 2.84 -6.79
N GLY A 182 -11.83 3.17 -5.51
CA GLY A 182 -12.92 3.92 -4.91
C GLY A 182 -14.08 3.15 -4.35
N GLU A 183 -14.07 1.82 -4.52
CA GLU A 183 -15.11 0.95 -4.02
C GLU A 183 -14.72 0.31 -2.69
N TRP A 184 -15.72 0.00 -1.90
CA TRP A 184 -15.53 -0.74 -0.66
C TRP A 184 -16.46 -1.91 -0.53
N ARG A 185 -16.13 -2.83 0.35
CA ARG A 185 -16.99 -3.96 0.67
C ARG A 185 -16.91 -4.24 2.16
N GLU A 186 -17.98 -4.78 2.71
CA GLU A 186 -18.05 -5.22 4.11
C GLU A 186 -17.58 -6.64 4.24
N VAL A 187 -16.79 -6.89 5.26
CA VAL A 187 -16.35 -8.23 5.62
C VAL A 187 -17.17 -8.71 6.82
N THR A 188 -17.87 -9.84 6.66
CA THR A 188 -18.80 -10.32 7.66
C THR A 188 -18.61 -11.81 7.93
N ASP A 189 -19.39 -12.34 8.88
CA ASP A 189 -19.32 -13.78 9.24
C ASP A 189 -20.69 -14.37 9.64
#